data_4AEH
#
_entry.id   4AEH
#
_cell.length_a   55.930
_cell.length_b   71.030
_cell.length_c   65.960
_cell.angle_alpha   90.00
_cell.angle_beta   111.82
_cell.angle_gamma   90.00
#
_symmetry.space_group_name_H-M   'P 1 21 1'
#
loop_
_entity.id
_entity.type
_entity.pdbx_description
1 polymer 'FAB ANTIBODY, HEAVY CHAIN'
2 polymer 'FAB ANTIBODY, LIGHT CHAIN'
3 water water
#
loop_
_entity_poly.entity_id
_entity_poly.type
_entity_poly.pdbx_seq_one_letter_code
_entity_poly.pdbx_strand_id
1 'polypeptide(L)'
;QVQLQQPGAEVVKPGASVRLSCKASGYSFTSNWINWVKQRPGQGLEWIGNISPGGSNTNHNEKFKSKATLTADTSSSTAY
MQLSSLTSDDSAVYYCARYDGDYGSFDYWGQGTTLTVSSAKTTAPSVYPLAPVCGDTTGSSVTLGCLVKGYFPEPVTLTW
NSGSLSSGVHTFPAVLQSDLYTLSSSVTVTSSTWPSESITCNVAHPASSTKVDKKIEPRGPTIKPCPPCKC
;
H
2 'polypeptide(L)'
;DVQMTQSPASLSVSVGETVTITCRASENIYRNLAWYQQKQGKSPQLLVYAATNLAAGVPSRFSGSGSGTQYSLKINSLQS
EDFGSYYCQHFWNIPFTFGSGTKLEIKRADAAPTVSIFPPSSEQLTSGGASVVCFLNNFYPKDINVKWKIDGSERQNGVL
NSWTDQDSKDSTYSMSSTLTLTKDEYERHNSYTCEATHKTSTSPIVKSFNRNEC
;
L
#
# COMPACT_ATOMS: atom_id res chain seq x y z
N GLN A 1 -14.66 20.11 -13.63
CA GLN A 1 -15.57 21.08 -12.93
C GLN A 1 -16.45 20.45 -11.82
N VAL A 2 -16.99 19.24 -12.00
CA VAL A 2 -17.54 18.53 -10.81
C VAL A 2 -16.36 18.06 -9.95
N GLN A 3 -16.35 18.46 -8.68
CA GLN A 3 -15.28 18.10 -7.75
C GLN A 3 -15.86 17.76 -6.38
N LEU A 4 -15.24 16.77 -5.74
CA LEU A 4 -15.60 16.41 -4.37
C LEU A 4 -14.34 16.55 -3.55
N GLN A 5 -14.37 17.43 -2.55
CA GLN A 5 -13.18 17.80 -1.77
C GLN A 5 -13.19 17.12 -0.43
N GLN A 6 -12.19 16.29 -0.21
CA GLN A 6 -12.01 15.62 1.08
C GLN A 6 -10.65 15.97 1.65
N PRO A 7 -10.55 16.06 2.98
CA PRO A 7 -9.24 16.17 3.63
C PRO A 7 -8.33 14.97 3.34
N GLY A 8 -7.04 15.23 3.14
CA GLY A 8 -6.15 14.14 2.76
C GLY A 8 -5.93 13.11 3.86
N ALA A 9 -5.90 13.55 5.11
CA ALA A 9 -5.53 12.63 6.20
C ALA A 9 -6.12 13.20 7.48
N GLU A 10 -6.44 12.30 8.42
N GLU A 10 -6.48 12.32 8.42
CA GLU A 10 -6.83 12.66 9.78
CA GLU A 10 -6.72 12.76 9.79
C GLU A 10 -6.30 11.63 10.74
C GLU A 10 -6.31 11.66 10.75
N VAL A 11 -5.64 12.09 11.80
CA VAL A 11 -5.21 11.22 12.91
C VAL A 11 -6.18 11.42 14.07
N VAL A 12 -6.65 10.31 14.65
CA VAL A 12 -7.72 10.33 15.67
C VAL A 12 -7.48 9.26 16.73
N LYS A 13 -7.96 9.49 17.95
CA LYS A 13 -7.67 8.57 19.05
C LYS A 13 -8.64 7.39 19.03
N PRO A 14 -8.18 6.22 19.49
CA PRO A 14 -9.13 5.12 19.71
C PRO A 14 -10.23 5.48 20.70
N GLY A 15 -11.45 5.06 20.39
CA GLY A 15 -12.61 5.27 21.26
C GLY A 15 -13.30 6.61 21.01
N ALA A 16 -12.59 7.51 20.33
CA ALA A 16 -13.14 8.79 19.92
C ALA A 16 -14.03 8.63 18.67
N SER A 17 -14.62 9.75 18.25
CA SER A 17 -15.45 9.83 17.06
C SER A 17 -14.80 10.81 16.09
N VAL A 18 -15.07 10.65 14.80
CA VAL A 18 -14.53 11.59 13.81
C VAL A 18 -15.57 11.92 12.77
N ARG A 19 -15.64 13.19 12.35
CA ARG A 19 -16.55 13.58 11.27
C ARG A 19 -15.77 13.83 9.98
N LEU A 20 -15.94 12.96 8.99
CA LEU A 20 -15.25 13.10 7.70
C LEU A 20 -16.11 13.92 6.73
N SER A 21 -15.48 14.83 5.98
CA SER A 21 -16.25 15.79 5.16
C SER A 21 -15.99 15.57 3.67
N CYS A 22 -17.01 15.90 2.87
CA CYS A 22 -16.93 15.78 1.42
C CYS A 22 -17.69 17.01 0.89
N LYS A 23 -16.96 18.01 0.40
CA LYS A 23 -17.56 19.27 -0.05
C LYS A 23 -17.67 19.22 -1.57
N ALA A 24 -18.89 19.31 -2.05
CA ALA A 24 -19.17 19.15 -3.49
C ALA A 24 -19.21 20.50 -4.21
N SER A 25 -18.73 20.54 -5.44
CA SER A 25 -18.87 21.74 -6.26
C SER A 25 -19.05 21.39 -7.72
N GLY A 26 -19.57 22.37 -8.47
CA GLY A 26 -19.70 22.17 -9.90
C GLY A 26 -21.02 21.59 -10.38
N TYR A 27 -21.98 21.44 -9.47
CA TYR A 27 -23.31 20.94 -9.82
C TYR A 27 -24.27 21.23 -8.67
N SER A 28 -25.55 21.00 -8.87
CA SER A 28 -26.53 21.23 -7.81
C SER A 28 -26.49 20.10 -6.77
N PHE A 29 -25.99 20.41 -5.59
CA PHE A 29 -25.74 19.41 -4.53
C PHE A 29 -26.92 18.49 -4.22
N THR A 30 -28.15 19.01 -4.22
CA THR A 30 -29.30 18.16 -3.89
C THR A 30 -29.71 17.21 -5.05
N SER A 31 -29.05 17.32 -6.19
CA SER A 31 -29.41 16.55 -7.39
C SER A 31 -28.87 15.11 -7.40
N ASN A 32 -27.83 14.85 -6.59
CA ASN A 32 -27.14 13.55 -6.65
C ASN A 32 -26.92 12.93 -5.29
N TRP A 33 -27.02 11.60 -5.21
CA TRP A 33 -26.66 10.86 -3.98
C TRP A 33 -25.17 10.89 -3.79
N ILE A 34 -24.73 11.07 -2.54
CA ILE A 34 -23.31 10.94 -2.19
C ILE A 34 -23.16 9.60 -1.49
N ASN A 35 -22.19 8.81 -1.97
CA ASN A 35 -21.91 7.49 -1.41
C ASN A 35 -20.56 7.49 -0.70
N TRP A 36 -20.40 6.62 0.30
CA TRP A 36 -19.11 6.50 1.02
C TRP A 36 -18.54 5.13 0.89
N VAL A 37 -17.21 5.04 0.70
CA VAL A 37 -16.55 3.75 0.38
C VAL A 37 -15.30 3.62 1.27
N LYS A 38 -15.11 2.43 1.83
CA LYS A 38 -13.94 2.19 2.73
C LYS A 38 -12.92 1.34 1.96
N GLN A 39 -11.63 1.65 2.10
CA GLN A 39 -10.60 0.77 1.56
C GLN A 39 -9.46 0.61 2.57
N ARG A 40 -9.32 -0.60 3.12
CA ARG A 40 -8.17 -0.94 3.99
C ARG A 40 -6.91 -1.15 3.15
N PRO A 41 -5.72 -0.91 3.72
CA PRO A 41 -4.45 -0.98 3.00
C PRO A 41 -4.27 -2.30 2.26
N GLY A 42 -4.06 -2.22 0.95
CA GLY A 42 -3.88 -3.41 0.11
C GLY A 42 -5.11 -4.28 -0.11
N GLN A 43 -6.28 -3.81 0.34
CA GLN A 43 -7.53 -4.55 0.24
C GLN A 43 -8.50 -3.92 -0.77
N GLY A 44 -9.72 -4.46 -0.80
CA GLY A 44 -10.71 -4.01 -1.81
C GLY A 44 -11.57 -2.86 -1.34
N LEU A 45 -12.45 -2.42 -2.22
CA LEU A 45 -13.43 -1.38 -1.89
C LEU A 45 -14.64 -1.98 -1.19
N GLU A 46 -15.16 -1.27 -0.19
CA GLU A 46 -16.31 -1.70 0.55
C GLU A 46 -17.32 -0.56 0.64
N TRP A 47 -18.54 -0.82 0.18
CA TRP A 47 -19.57 0.22 0.21
C TRP A 47 -20.14 0.39 1.61
N ILE A 48 -20.13 1.63 2.12
CA ILE A 48 -20.62 1.93 3.50
C ILE A 48 -22.07 2.37 3.51
N GLY A 49 -22.42 3.31 2.63
CA GLY A 49 -23.77 3.85 2.64
C GLY A 49 -23.88 5.07 1.76
N ASN A 50 -25.08 5.63 1.72
CA ASN A 50 -25.32 6.82 0.94
C ASN A 50 -26.36 7.78 1.51
N ILE A 51 -26.39 8.98 0.94
CA ILE A 51 -27.31 10.04 1.38
C ILE A 51 -27.77 10.89 0.20
N SER A 52 -29.04 11.29 0.22
CA SER A 52 -29.59 12.17 -0.75
C SER A 52 -29.72 13.52 -0.07
N PRO A 53 -28.86 14.48 -0.42
CA PRO A 53 -28.92 15.76 0.29
C PRO A 53 -30.22 16.51 0.01
N GLY A 54 -30.74 17.18 1.04
CA GLY A 54 -31.99 17.95 0.96
C GLY A 54 -33.00 17.34 1.91
N GLY A 55 -33.47 16.15 1.57
CA GLY A 55 -34.30 15.36 2.48
C GLY A 55 -33.44 14.58 3.46
N SER A 56 -32.17 14.39 3.10
CA SER A 56 -31.24 13.55 3.87
C SER A 56 -31.68 12.09 4.11
N ASN A 57 -32.42 11.52 3.16
N ASN A 57 -32.41 11.53 3.15
CA ASN A 57 -32.72 10.08 3.15
CA ASN A 57 -32.71 10.10 3.13
C ASN A 57 -31.41 9.32 2.97
C ASN A 57 -31.41 9.32 2.95
N THR A 58 -31.25 8.22 3.69
CA THR A 58 -29.99 7.44 3.68
C THR A 58 -30.18 5.93 3.48
N ASN A 59 -29.12 5.28 3.03
CA ASN A 59 -29.01 3.81 2.98
C ASN A 59 -27.69 3.38 3.61
N HIS A 60 -27.70 2.25 4.29
CA HIS A 60 -26.51 1.73 4.97
C HIS A 60 -26.25 0.31 4.65
N ASN A 61 -24.97 -0.03 4.51
CA ASN A 61 -24.50 -1.40 4.62
C ASN A 61 -24.75 -1.79 6.09
N GLU A 62 -25.46 -2.90 6.32
N GLU A 62 -25.46 -2.91 6.31
CA GLU A 62 -25.76 -3.34 7.69
CA GLU A 62 -25.76 -3.37 7.67
C GLU A 62 -24.53 -3.43 8.59
C GLU A 62 -24.54 -3.41 8.58
N LYS A 63 -23.38 -3.76 8.00
CA LYS A 63 -22.12 -3.85 8.74
C LYS A 63 -21.66 -2.54 9.37
N PHE A 64 -22.11 -1.44 8.80
CA PHE A 64 -21.78 -0.11 9.28
C PHE A 64 -22.92 0.64 9.97
N LYS A 65 -24.03 -0.06 10.26
CA LYS A 65 -25.21 0.65 10.79
C LYS A 65 -24.95 1.49 12.05
N SER A 66 -24.12 1.01 12.98
CA SER A 66 -23.80 1.82 14.16
C SER A 66 -22.53 2.64 13.95
N LYS A 67 -21.59 2.09 13.18
CA LYS A 67 -20.27 2.70 12.98
C LYS A 67 -20.36 4.06 12.28
N ALA A 68 -21.21 4.14 11.26
CA ALA A 68 -21.29 5.32 10.38
C ALA A 68 -22.63 6.02 10.48
N THR A 69 -22.58 7.35 10.60
CA THR A 69 -23.77 8.20 10.61
C THR A 69 -23.61 9.26 9.51
N LEU A 70 -24.55 9.27 8.58
CA LEU A 70 -24.43 10.09 7.38
C LEU A 70 -25.37 11.26 7.44
N THR A 71 -24.81 12.43 7.20
CA THR A 71 -25.58 13.68 7.21
C THR A 71 -25.11 14.58 6.08
N ALA A 72 -25.82 15.68 5.86
CA ALA A 72 -25.41 16.63 4.83
C ALA A 72 -25.86 18.06 5.18
N ASP A 73 -25.04 19.05 4.83
CA ASP A 73 -25.38 20.45 5.02
C ASP A 73 -25.53 21.08 3.64
N THR A 74 -26.76 21.25 3.19
CA THR A 74 -26.98 21.84 1.86
C THR A 74 -26.48 23.29 1.75
N SER A 75 -26.47 24.05 2.86
CA SER A 75 -26.00 25.44 2.82
C SER A 75 -24.49 25.56 2.54
N SER A 76 -23.74 24.49 2.79
CA SER A 76 -22.32 24.46 2.46
C SER A 76 -21.96 23.40 1.41
N SER A 77 -22.97 22.79 0.78
CA SER A 77 -22.76 21.68 -0.17
C SER A 77 -21.79 20.62 0.36
N THR A 78 -21.92 20.27 1.65
CA THR A 78 -21.00 19.29 2.27
C THR A 78 -21.74 18.08 2.83
N ALA A 79 -21.31 16.87 2.41
CA ALA A 79 -21.77 15.63 3.01
C ALA A 79 -20.80 15.24 4.12
N TYR A 80 -21.31 14.66 5.20
CA TYR A 80 -20.50 14.24 6.33
C TYR A 80 -20.73 12.79 6.70
N MET A 81 -19.65 12.11 7.06
CA MET A 81 -19.75 10.78 7.62
C MET A 81 -19.06 10.79 8.99
N GLN A 82 -19.87 10.50 10.01
N GLN A 82 -19.84 10.50 10.02
CA GLN A 82 -19.38 10.34 11.36
CA GLN A 82 -19.30 10.42 11.38
C GLN A 82 -19.02 8.88 11.58
C GLN A 82 -19.05 8.95 11.76
N LEU A 83 -17.78 8.63 12.02
CA LEU A 83 -17.36 7.29 12.44
C LEU A 83 -17.21 7.31 13.96
N SER A 84 -17.96 6.45 14.65
CA SER A 84 -17.98 6.44 16.12
C SER A 84 -17.15 5.29 16.73
N SER A 85 -16.83 5.39 18.03
CA SER A 85 -16.13 4.34 18.78
C SER A 85 -14.93 3.79 18.02
N LEU A 86 -13.99 4.65 17.66
CA LEU A 86 -12.94 4.28 16.72
C LEU A 86 -11.99 3.19 17.24
N THR A 87 -11.64 2.24 16.37
CA THR A 87 -10.63 1.20 16.66
C THR A 87 -9.63 1.12 15.51
N SER A 88 -8.58 0.32 15.69
CA SER A 88 -7.61 0.11 14.60
C SER A 88 -8.21 -0.44 13.29
N ASP A 89 -9.32 -1.17 13.39
N ASP A 89 -9.32 -1.19 13.39
CA ASP A 89 -10.01 -1.69 12.21
CA ASP A 89 -10.03 -1.67 12.19
C ASP A 89 -10.72 -0.59 11.39
C ASP A 89 -10.54 -0.52 11.33
N ASP A 90 -10.81 0.62 11.96
CA ASP A 90 -11.34 1.79 11.23
C ASP A 90 -10.26 2.54 10.41
N SER A 91 -9.00 2.30 10.74
CA SER A 91 -7.87 2.88 9.95
C SER A 91 -7.98 2.42 8.50
N ALA A 92 -8.15 3.38 7.61
CA ALA A 92 -8.43 3.07 6.21
C ALA A 92 -8.48 4.35 5.41
N VAL A 93 -8.59 4.22 4.10
CA VAL A 93 -8.95 5.36 3.25
C VAL A 93 -10.48 5.34 3.08
N TYR A 94 -11.09 6.52 3.20
CA TYR A 94 -12.53 6.67 3.00
C TYR A 94 -12.77 7.62 1.85
N TYR A 95 -13.44 7.13 0.81
CA TYR A 95 -13.79 7.94 -0.37
C TYR A 95 -15.24 8.34 -0.30
N CYS A 96 -15.53 9.58 -0.70
CA CYS A 96 -16.90 9.90 -1.08
C CYS A 96 -16.96 9.85 -2.61
N ALA A 97 -18.15 9.54 -3.12
CA ALA A 97 -18.36 9.37 -4.55
C ALA A 97 -19.77 9.80 -4.91
N ARG A 98 -19.91 10.41 -6.07
CA ARG A 98 -21.22 10.91 -6.52
C ARG A 98 -21.84 9.84 -7.41
N TYR A 99 -23.13 9.55 -7.19
CA TYR A 99 -23.88 8.63 -7.99
C TYR A 99 -24.58 9.42 -9.10
N ASP A 100 -24.50 8.92 -10.33
CA ASP A 100 -25.24 9.51 -11.45
C ASP A 100 -26.35 8.53 -11.88
N GLY A 101 -27.58 9.03 -11.99
CA GLY A 101 -28.75 8.20 -12.38
C GLY A 101 -28.73 7.64 -13.80
N ASP A 102 -28.08 8.39 -14.69
CA ASP A 102 -27.89 8.03 -16.09
C ASP A 102 -26.89 6.86 -16.17
N TYR A 103 -25.70 7.05 -15.60
CA TYR A 103 -24.68 6.00 -15.58
C TYR A 103 -25.08 4.82 -14.67
N GLY A 104 -25.94 5.09 -13.70
CA GLY A 104 -26.31 4.07 -12.71
C GLY A 104 -25.13 3.64 -11.84
N SER A 105 -24.13 4.52 -11.69
CA SER A 105 -22.87 4.21 -11.00
C SER A 105 -22.14 5.45 -10.50
N PHE A 106 -20.92 5.31 -9.98
CA PHE A 106 -20.21 6.44 -9.37
C PHE A 106 -19.33 7.16 -10.39
N ASP A 107 -19.72 8.39 -10.74
CA ASP A 107 -18.99 9.10 -11.80
C ASP A 107 -17.86 10.03 -11.39
N TYR A 108 -17.90 10.52 -10.16
CA TYR A 108 -16.83 11.38 -9.63
C TYR A 108 -16.52 10.92 -8.21
N TRP A 109 -15.23 10.93 -7.85
CA TRP A 109 -14.76 10.48 -6.55
C TRP A 109 -13.96 11.53 -5.88
N GLY A 110 -14.01 11.58 -4.55
CA GLY A 110 -13.08 12.45 -3.82
C GLY A 110 -11.69 11.81 -3.80
N GLN A 111 -10.69 12.56 -3.31
CA GLN A 111 -9.31 12.04 -3.26
C GLN A 111 -9.13 10.94 -2.18
N GLY A 112 -10.09 10.85 -1.26
CA GLY A 112 -10.03 9.92 -0.14
C GLY A 112 -9.33 10.54 1.06
N THR A 113 -9.84 10.26 2.24
CA THR A 113 -9.20 10.66 3.50
C THR A 113 -8.57 9.46 4.16
N THR A 114 -7.26 9.55 4.44
CA THR A 114 -6.57 8.47 5.12
C THR A 114 -6.76 8.70 6.60
N LEU A 115 -7.55 7.83 7.23
CA LEU A 115 -7.83 7.90 8.66
C LEU A 115 -6.86 6.96 9.39
N THR A 116 -6.10 7.52 10.34
CA THR A 116 -5.19 6.74 11.19
C THR A 116 -5.70 6.82 12.63
N VAL A 117 -6.07 5.66 13.18
CA VAL A 117 -6.60 5.60 14.55
C VAL A 117 -5.45 5.16 15.44
N SER A 118 -5.02 6.05 16.32
CA SER A 118 -3.79 5.82 17.12
C SER A 118 -3.72 6.72 18.34
N SER A 119 -3.10 6.19 19.39
N SER A 119 -3.12 6.22 19.42
CA SER A 119 -2.88 6.92 20.64
CA SER A 119 -2.92 7.01 20.62
C SER A 119 -1.63 7.82 20.56
C SER A 119 -1.55 7.70 20.65
N ALA A 120 -0.80 7.57 19.56
CA ALA A 120 0.54 8.19 19.45
C ALA A 120 0.52 9.71 19.40
N LYS A 121 1.58 10.33 19.92
CA LYS A 121 1.82 11.76 19.74
C LYS A 121 2.88 11.98 18.67
N THR A 122 2.98 13.22 18.19
CA THR A 122 3.90 13.53 17.10
C THR A 122 5.31 13.26 17.61
N THR A 123 6.09 12.52 16.84
CA THR A 123 7.39 12.07 17.30
C THR A 123 8.40 12.06 16.14
N ALA A 124 9.52 12.76 16.33
CA ALA A 124 10.60 12.75 15.32
C ALA A 124 11.29 11.38 15.25
N PRO A 125 11.72 10.95 14.05
CA PRO A 125 12.38 9.65 13.93
C PRO A 125 13.83 9.62 14.39
N SER A 126 14.29 8.43 14.76
CA SER A 126 15.72 8.18 14.93
C SER A 126 16.17 7.64 13.61
N VAL A 127 17.34 8.08 13.13
CA VAL A 127 17.80 7.67 11.79
C VAL A 127 19.15 6.95 11.99
N TYR A 128 19.22 5.70 11.54
CA TYR A 128 20.44 4.90 11.73
C TYR A 128 21.06 4.50 10.41
N PRO A 129 22.39 4.70 10.31
CA PRO A 129 23.04 4.26 9.09
C PRO A 129 23.24 2.73 9.13
N LEU A 130 23.03 2.09 7.99
CA LEU A 130 23.23 0.62 7.77
C LEU A 130 24.43 0.40 6.85
N ALA A 131 25.58 0.09 7.45
CA ALA A 131 26.80 -0.16 6.66
C ALA A 131 26.94 -1.67 6.57
N PRO A 132 27.57 -2.18 5.48
CA PRO A 132 27.68 -3.61 5.27
C PRO A 132 28.50 -4.29 6.33
N VAL A 133 28.33 -5.60 6.40
CA VAL A 133 29.12 -6.41 7.31
C VAL A 133 30.57 -6.18 6.89
N CYS A 134 31.46 -6.00 7.87
CA CYS A 134 32.89 -5.77 7.58
C CYS A 134 33.56 -6.99 6.92
N GLY A 135 32.74 -7.85 6.31
CA GLY A 135 33.20 -8.96 5.50
C GLY A 135 34.15 -8.54 4.40
N ASP A 136 33.60 -8.28 3.20
CA ASP A 136 34.41 -7.92 2.03
C ASP A 136 33.60 -7.56 0.78
N THR A 137 34.02 -6.52 0.07
CA THR A 137 33.40 -6.12 -1.19
C THR A 137 34.23 -6.58 -2.41
N THR A 138 34.24 -7.88 -2.65
CA THR A 138 34.79 -8.44 -3.90
C THR A 138 33.66 -8.65 -4.91
N GLY A 139 32.43 -8.35 -4.47
CA GLY A 139 31.30 -8.20 -5.38
C GLY A 139 31.51 -6.93 -6.17
N SER A 140 30.85 -6.84 -7.33
CA SER A 140 30.96 -5.68 -8.18
C SER A 140 30.15 -4.51 -7.62
N SER A 141 29.26 -4.80 -6.68
N SER A 141 29.10 -4.82 -6.83
CA SER A 141 28.50 -3.73 -6.09
CA SER A 141 28.15 -3.82 -6.28
C SER A 141 28.36 -3.88 -4.60
C SER A 141 27.94 -3.98 -4.74
N VAL A 142 27.74 -2.87 -4.04
CA VAL A 142 27.57 -2.84 -2.60
C VAL A 142 26.23 -2.21 -2.28
N THR A 143 25.58 -2.75 -1.26
CA THR A 143 24.30 -2.21 -0.81
C THR A 143 24.41 -1.62 0.54
N LEU A 144 23.89 -0.40 0.65
CA LEU A 144 23.90 0.33 1.92
C LEU A 144 22.46 0.59 2.28
N GLY A 145 22.26 0.96 3.54
CA GLY A 145 20.90 1.22 3.99
C GLY A 145 20.76 2.34 5.01
N CYS A 146 19.49 2.69 5.24
CA CYS A 146 19.11 3.69 6.21
CA CYS A 146 19.13 3.64 6.26
C CYS A 146 17.84 3.21 6.94
N LEU A 147 17.88 3.18 8.27
CA LEU A 147 16.77 2.74 9.09
C LEU A 147 16.17 3.94 9.84
N VAL A 148 14.89 4.18 9.61
CA VAL A 148 14.16 5.33 10.18
C VAL A 148 13.11 4.82 11.16
N LYS A 149 13.38 4.98 12.45
N LYS A 149 13.37 4.97 12.46
CA LYS A 149 12.62 4.29 13.48
CA LYS A 149 12.58 4.24 13.45
C LYS A 149 11.90 5.25 14.42
C LYS A 149 11.96 5.16 14.49
N GLY A 150 10.70 4.87 14.82
CA GLY A 150 10.05 5.51 15.95
C GLY A 150 9.42 6.86 15.69
N TYR A 151 8.80 7.06 14.53
CA TYR A 151 8.19 8.37 14.23
C TYR A 151 6.67 8.31 14.15
N PHE A 152 6.06 9.49 14.24
CA PHE A 152 4.62 9.59 14.06
C PHE A 152 4.26 11.06 13.88
N PRO A 153 3.25 11.38 13.03
CA PRO A 153 2.57 10.54 12.05
C PRO A 153 3.39 10.41 10.76
N GLU A 154 2.83 9.72 9.75
CA GLU A 154 3.36 9.75 8.40
C GLU A 154 3.23 11.16 7.83
N PRO A 155 4.03 11.52 6.81
CA PRO A 155 5.07 10.75 6.14
C PRO A 155 6.49 11.16 6.55
N VAL A 156 7.46 10.43 6.02
CA VAL A 156 8.83 10.92 5.92
C VAL A 156 9.23 10.95 4.44
N THR A 157 10.17 11.83 4.13
CA THR A 157 10.77 11.87 2.80
C THR A 157 12.23 11.52 2.98
N LEU A 158 12.67 10.46 2.30
CA LEU A 158 14.05 10.03 2.40
C LEU A 158 14.71 10.20 1.05
N THR A 159 15.89 10.81 1.07
CA THR A 159 16.71 10.92 -0.13
C THR A 159 18.13 10.42 0.17
N TRP A 160 18.92 10.25 -0.89
CA TRP A 160 20.31 9.83 -0.78
C TRP A 160 21.14 10.88 -1.46
N ASN A 161 22.18 11.34 -0.77
CA ASN A 161 23.03 12.45 -1.27
C ASN A 161 22.20 13.64 -1.75
N SER A 162 21.22 14.02 -0.93
CA SER A 162 20.35 15.17 -1.18
C SER A 162 19.57 15.04 -2.48
N GLY A 163 19.34 13.81 -2.91
CA GLY A 163 18.65 13.53 -4.17
C GLY A 163 19.55 13.30 -5.36
N SER A 164 20.85 13.53 -5.20
CA SER A 164 21.86 13.29 -6.25
C SER A 164 21.93 11.83 -6.63
N LEU A 165 21.58 10.97 -5.69
CA LEU A 165 21.64 9.53 -5.91
C LEU A 165 20.21 9.00 -5.87
N SER A 166 19.68 8.70 -7.05
CA SER A 166 18.28 8.31 -7.18
C SER A 166 18.13 6.94 -7.81
N SER A 167 19.11 6.52 -8.60
CA SER A 167 19.09 5.19 -9.21
C SER A 167 19.48 4.14 -8.17
N GLY A 168 18.92 2.93 -8.27
CA GLY A 168 19.35 1.80 -7.41
C GLY A 168 18.83 1.89 -5.99
N VAL A 169 17.76 2.67 -5.81
CA VAL A 169 17.22 2.90 -4.48
C VAL A 169 15.91 2.15 -4.26
N HIS A 170 15.75 1.58 -3.08
CA HIS A 170 14.44 1.02 -2.68
C HIS A 170 14.06 1.61 -1.36
N THR A 171 12.99 2.40 -1.36
CA THR A 171 12.52 2.99 -0.12
C THR A 171 11.19 2.28 0.21
N PHE A 172 11.15 1.64 1.37
CA PHE A 172 10.06 0.70 1.69
C PHE A 172 8.92 1.42 2.38
N PRO A 173 7.68 0.95 2.15
CA PRO A 173 6.54 1.54 2.87
C PRO A 173 6.69 1.42 4.38
N ALA A 174 6.22 2.44 5.09
CA ALA A 174 6.32 2.45 6.53
C ALA A 174 5.43 1.41 7.11
N VAL A 175 5.85 0.85 8.24
N VAL A 175 5.83 0.85 8.23
CA VAL A 175 5.00 -0.08 8.98
CA VAL A 175 4.95 -0.04 8.95
C VAL A 175 4.78 0.50 10.37
C VAL A 175 4.77 0.48 10.36
N LEU A 176 3.49 0.54 10.76
CA LEU A 176 3.11 1.01 12.09
C LEU A 176 3.02 -0.21 12.96
N GLN A 177 3.83 -0.26 14.00
CA GLN A 177 3.76 -1.35 14.98
C GLN A 177 4.02 -0.75 16.36
N SER A 178 3.26 -1.19 17.37
CA SER A 178 3.38 -0.64 18.73
C SER A 178 3.35 0.90 18.68
N ASP A 179 2.50 1.37 17.77
CA ASP A 179 2.09 2.74 17.68
C ASP A 179 3.18 3.75 17.36
N LEU A 180 4.26 3.29 16.71
CA LEU A 180 5.17 4.18 15.98
C LEU A 180 5.54 3.59 14.62
N TYR A 181 5.92 4.45 13.68
CA TYR A 181 6.31 3.99 12.34
C TYR A 181 7.78 3.69 12.26
N THR A 182 8.08 2.68 11.47
CA THR A 182 9.44 2.42 11.04
C THR A 182 9.49 2.25 9.54
N LEU A 183 10.50 2.87 8.93
CA LEU A 183 10.75 2.56 7.55
C LEU A 183 12.23 2.42 7.25
N SER A 184 12.52 1.90 6.08
CA SER A 184 13.91 1.70 5.62
C SER A 184 14.10 1.99 4.15
N SER A 185 15.37 2.25 3.79
CA SER A 185 15.73 2.47 2.39
C SER A 185 17.09 1.82 2.16
N SER A 186 17.20 1.18 1.01
CA SER A 186 18.47 0.62 0.52
C SER A 186 18.94 1.41 -0.70
N VAL A 187 20.26 1.52 -0.86
CA VAL A 187 20.82 2.06 -2.10
C VAL A 187 21.97 1.14 -2.52
N THR A 188 21.99 0.79 -3.80
CA THR A 188 23.04 -0.08 -4.36
C THR A 188 23.90 0.67 -5.36
N VAL A 189 25.22 0.64 -5.15
CA VAL A 189 26.15 1.35 -6.04
C VAL A 189 27.30 0.41 -6.45
N THR A 190 28.08 0.77 -7.45
CA THR A 190 29.22 -0.07 -7.80
C THR A 190 30.25 -0.01 -6.67
N SER A 191 31.03 -1.09 -6.53
CA SER A 191 32.01 -1.16 -5.43
C SER A 191 33.04 -0.06 -5.46
N SER A 192 33.32 0.48 -6.65
CA SER A 192 34.28 1.57 -6.74
C SER A 192 33.76 2.88 -6.16
N THR A 193 32.44 2.99 -6.04
CA THR A 193 31.79 4.20 -5.54
C THR A 193 31.89 4.37 -4.04
N TRP A 194 31.72 3.30 -3.27
CA TRP A 194 31.71 3.42 -1.83
C TRP A 194 32.59 2.34 -1.25
N PRO A 195 33.41 2.66 -0.23
CA PRO A 195 33.43 3.92 0.53
C PRO A 195 34.31 5.04 -0.05
N SER A 196 34.84 4.88 -1.25
CA SER A 196 35.65 5.98 -1.83
C SER A 196 34.93 7.33 -1.86
N GLU A 197 33.62 7.31 -2.10
CA GLU A 197 32.83 8.52 -2.11
C GLU A 197 31.86 8.48 -0.93
N SER A 198 31.48 9.67 -0.47
CA SER A 198 30.49 9.86 0.58
C SER A 198 29.07 9.52 0.09
N ILE A 199 28.35 8.73 0.91
CA ILE A 199 26.93 8.48 0.66
C ILE A 199 26.23 8.74 1.98
N THR A 200 25.22 9.61 1.94
CA THR A 200 24.49 10.04 3.11
C THR A 200 23.00 9.88 2.88
N CYS A 201 22.28 9.43 3.89
CA CYS A 201 20.84 9.40 3.85
CA CYS A 201 20.82 9.52 3.75
C CYS A 201 20.29 10.71 4.48
N ASN A 202 19.25 11.29 3.87
CA ASN A 202 18.64 12.49 4.38
C ASN A 202 17.17 12.23 4.65
N VAL A 203 16.70 12.56 5.84
CA VAL A 203 15.37 12.14 6.25
C VAL A 203 14.63 13.36 6.77
N ALA A 204 13.57 13.71 6.06
CA ALA A 204 12.67 14.81 6.49
C ALA A 204 11.39 14.24 7.11
N HIS A 205 11.00 14.78 8.26
CA HIS A 205 9.75 14.43 8.92
C HIS A 205 8.96 15.71 9.16
N PRO A 206 8.13 16.09 8.18
CA PRO A 206 7.53 17.43 8.21
C PRO A 206 6.62 17.66 9.43
N ALA A 207 5.99 16.60 9.97
CA ALA A 207 5.11 16.79 11.14
C ALA A 207 5.86 17.33 12.36
N SER A 208 7.13 16.94 12.52
CA SER A 208 7.97 17.43 13.62
C SER A 208 8.93 18.53 13.16
N SER A 209 8.84 18.91 11.88
CA SER A 209 9.74 19.89 11.24
C SER A 209 11.22 19.53 11.42
N THR A 210 11.54 18.25 11.30
CA THR A 210 12.94 17.83 11.42
C THR A 210 13.52 17.35 10.09
N LYS A 211 14.84 17.51 9.96
CA LYS A 211 15.62 16.99 8.84
C LYS A 211 16.93 16.54 9.44
N VAL A 212 17.33 15.31 9.10
N VAL A 212 17.31 15.31 9.16
CA VAL A 212 18.47 14.65 9.71
CA VAL A 212 18.58 14.83 9.64
C VAL A 212 19.29 13.90 8.66
C VAL A 212 19.28 14.17 8.49
N ASP A 213 20.60 14.16 8.62
CA ASP A 213 21.48 13.47 7.67
C ASP A 213 22.26 12.44 8.44
N LYS A 214 22.46 11.27 7.82
CA LYS A 214 23.36 10.26 8.35
C LYS A 214 24.28 9.74 7.25
N LYS A 215 25.56 9.99 7.43
CA LYS A 215 26.58 9.49 6.50
C LYS A 215 26.81 8.02 6.80
N ILE A 216 26.88 7.22 5.75
CA ILE A 216 27.14 5.79 5.94
C ILE A 216 28.65 5.57 6.00
N GLU A 217 29.14 5.15 7.17
CA GLU A 217 30.57 4.93 7.37
C GLU A 217 30.93 3.46 7.38
N PRO A 218 32.10 3.10 6.83
CA PRO A 218 32.48 1.67 6.91
C PRO A 218 32.65 1.27 8.37
N ARG A 219 32.26 0.03 8.68
CA ARG A 219 32.30 -0.48 10.07
C ARG A 219 33.74 -0.74 10.50
N GLY A 220 34.08 -0.65 11.69
N ASP B 1 -29.97 -9.32 -0.60
CA ASP B 1 -28.71 -8.69 -1.06
C ASP B 1 -27.91 -9.60 -1.99
N VAL B 2 -26.94 -9.02 -2.71
CA VAL B 2 -26.22 -9.69 -3.79
C VAL B 2 -24.72 -9.78 -3.49
N GLN B 3 -24.15 -10.98 -3.66
CA GLN B 3 -22.72 -11.19 -3.56
C GLN B 3 -22.11 -11.23 -4.96
N MET B 4 -20.97 -10.54 -5.12
CA MET B 4 -20.25 -10.53 -6.40
C MET B 4 -19.00 -11.38 -6.28
N THR B 5 -18.76 -12.25 -7.26
CA THR B 5 -17.54 -13.07 -7.28
C THR B 5 -16.69 -12.66 -8.47
N GLN B 6 -15.55 -12.04 -8.19
CA GLN B 6 -14.65 -11.56 -9.23
C GLN B 6 -13.45 -12.48 -9.45
N SER B 7 -13.06 -12.64 -10.72
N SER B 7 -13.06 -12.67 -10.72
CA SER B 7 -11.91 -13.48 -11.10
CA SER B 7 -11.89 -13.48 -11.05
C SER B 7 -11.20 -12.94 -12.32
C SER B 7 -11.19 -12.99 -12.33
N PRO B 8 -9.86 -13.16 -12.42
CA PRO B 8 -8.97 -13.74 -11.41
C PRO B 8 -8.60 -12.70 -10.37
N ALA B 9 -8.11 -13.13 -9.19
CA ALA B 9 -7.66 -12.12 -8.22
C ALA B 9 -6.45 -11.36 -8.73
N SER B 10 -5.61 -12.03 -9.50
CA SER B 10 -4.39 -11.40 -9.96
C SER B 10 -3.97 -12.03 -11.28
N LEU B 11 -3.28 -11.26 -12.11
CA LEU B 11 -2.71 -11.83 -13.34
C LEU B 11 -1.49 -11.05 -13.80
N SER B 12 -0.48 -11.77 -14.23
CA SER B 12 0.72 -11.18 -14.82
C SER B 12 0.52 -11.13 -16.32
N VAL B 13 0.74 -9.96 -16.88
CA VAL B 13 0.45 -9.77 -18.31
C VAL B 13 1.48 -8.87 -18.96
N SER B 14 1.46 -8.80 -20.29
CA SER B 14 2.39 -7.95 -21.01
C SER B 14 1.62 -6.97 -21.89
N VAL B 15 2.23 -5.81 -22.13
CA VAL B 15 1.68 -4.84 -23.10
C VAL B 15 1.43 -5.55 -24.43
N GLY B 16 0.25 -5.28 -25.01
CA GLY B 16 -0.11 -5.85 -26.29
C GLY B 16 -1.04 -7.03 -26.17
N GLU B 17 -1.10 -7.64 -25.00
CA GLU B 17 -1.97 -8.79 -24.76
C GLU B 17 -3.43 -8.40 -24.50
N THR B 18 -4.32 -9.38 -24.64
CA THR B 18 -5.74 -9.17 -24.36
C THR B 18 -6.06 -9.88 -23.06
N VAL B 19 -6.76 -9.17 -22.17
N VAL B 19 -6.70 -9.18 -22.13
CA VAL B 19 -7.14 -9.64 -20.84
CA VAL B 19 -7.13 -9.80 -20.90
C VAL B 19 -8.67 -9.62 -20.65
C VAL B 19 -8.64 -9.66 -20.68
N THR B 20 -9.22 -10.68 -20.07
CA THR B 20 -10.65 -10.70 -19.69
C THR B 20 -10.81 -10.92 -18.19
N ILE B 21 -11.55 -10.02 -17.54
CA ILE B 21 -11.83 -10.14 -16.11
C ILE B 21 -13.32 -10.44 -15.97
N THR B 22 -13.66 -11.31 -15.02
N THR B 22 -13.67 -11.37 -15.09
CA THR B 22 -15.03 -11.79 -14.89
CA THR B 22 -15.07 -11.75 -15.00
C THR B 22 -15.68 -11.43 -13.56
C THR B 22 -15.68 -11.40 -13.66
N CYS B 23 -16.95 -11.04 -13.58
N CYS B 23 -16.99 -11.15 -13.65
CA CYS B 23 -17.73 -10.94 -12.34
CA CYS B 23 -17.69 -10.81 -12.41
C CYS B 23 -19.00 -11.80 -12.40
C CYS B 23 -19.05 -11.54 -12.42
N ARG B 24 -19.31 -12.42 -11.28
N ARG B 24 -19.25 -12.43 -11.45
CA ARG B 24 -20.48 -13.30 -11.18
CA ARG B 24 -20.51 -13.19 -11.35
C ARG B 24 -21.37 -12.86 -10.05
C ARG B 24 -21.33 -12.75 -10.13
N ALA B 25 -22.62 -12.56 -10.35
CA ALA B 25 -23.54 -12.14 -9.27
C ALA B 25 -24.31 -13.36 -8.79
N SER B 26 -24.71 -13.32 -7.53
CA SER B 26 -25.53 -14.35 -6.85
C SER B 26 -26.96 -14.47 -7.37
N GLU B 27 -27.46 -13.41 -8.00
CA GLU B 27 -28.78 -13.44 -8.64
C GLU B 27 -28.75 -12.58 -9.90
N ASN B 28 -29.79 -12.67 -10.70
CA ASN B 28 -29.87 -11.89 -11.93
C ASN B 28 -29.87 -10.41 -11.55
N ILE B 29 -28.91 -9.66 -12.11
CA ILE B 29 -28.83 -8.23 -11.80
C ILE B 29 -29.15 -7.36 -13.01
N TYR B 30 -29.57 -7.99 -14.09
CA TYR B 30 -30.17 -7.25 -15.21
C TYR B 30 -29.28 -6.10 -15.69
N ARG B 31 -28.00 -6.40 -15.88
CA ARG B 31 -27.01 -5.40 -16.41
C ARG B 31 -26.81 -4.18 -15.54
N ASN B 32 -27.19 -4.22 -14.26
CA ASN B 32 -26.94 -3.10 -13.37
C ASN B 32 -25.58 -3.30 -12.71
N LEU B 33 -24.54 -3.07 -13.50
CA LEU B 33 -23.18 -3.39 -13.10
C LEU B 33 -22.22 -2.37 -13.72
N ALA B 34 -21.28 -1.91 -12.91
CA ALA B 34 -20.23 -0.97 -13.35
C ALA B 34 -18.87 -1.61 -13.17
N TRP B 35 -17.89 -1.14 -13.96
CA TRP B 35 -16.49 -1.50 -13.74
C TRP B 35 -15.66 -0.26 -13.50
N TYR B 36 -14.76 -0.35 -12.52
CA TYR B 36 -13.81 0.74 -12.21
C TYR B 36 -12.36 0.28 -12.39
N GLN B 37 -11.50 1.22 -12.73
CA GLN B 37 -10.05 1.02 -12.67
C GLN B 37 -9.50 1.78 -11.46
N GLN B 38 -8.53 1.23 -10.75
CA GLN B 38 -7.86 1.98 -9.69
C GLN B 38 -6.34 1.84 -9.82
N LYS B 39 -5.71 2.95 -10.15
CA LYS B 39 -4.24 2.99 -10.25
C LYS B 39 -3.67 3.13 -8.84
N GLN B 40 -2.41 2.71 -8.65
CA GLN B 40 -1.75 2.81 -7.35
C GLN B 40 -1.79 4.22 -6.78
N GLY B 41 -2.27 4.34 -5.55
CA GLY B 41 -2.29 5.64 -4.86
C GLY B 41 -3.37 6.60 -5.33
N LYS B 42 -4.27 6.13 -6.20
CA LYS B 42 -5.29 7.00 -6.79
C LYS B 42 -6.72 6.53 -6.48
N SER B 43 -7.70 7.42 -6.66
CA SER B 43 -9.10 7.04 -6.43
C SER B 43 -9.58 6.19 -7.60
N PRO B 44 -10.58 5.32 -7.39
CA PRO B 44 -11.14 4.58 -8.53
C PRO B 44 -11.74 5.51 -9.58
N GLN B 45 -11.78 5.04 -10.83
N GLN B 45 -11.75 5.04 -10.83
CA GLN B 45 -12.36 5.76 -11.95
CA GLN B 45 -12.34 5.74 -11.98
C GLN B 45 -13.22 4.85 -12.81
C GLN B 45 -13.25 4.82 -12.77
N LEU B 46 -14.41 5.34 -13.18
CA LEU B 46 -15.39 4.56 -13.92
C LEU B 46 -14.92 4.26 -15.34
N LEU B 47 -14.97 2.98 -15.75
CA LEU B 47 -14.70 2.57 -17.13
C LEU B 47 -15.96 2.25 -17.91
N VAL B 48 -16.83 1.45 -17.31
CA VAL B 48 -17.97 0.85 -18.02
C VAL B 48 -19.19 0.89 -17.11
N TYR B 49 -20.35 1.20 -17.69
CA TYR B 49 -21.58 1.24 -16.86
C TYR B 49 -22.69 0.50 -17.58
N ALA B 50 -23.72 0.11 -16.84
CA ALA B 50 -24.84 -0.65 -17.43
C ALA B 50 -24.31 -1.88 -18.19
N ALA B 51 -23.29 -2.52 -17.60
CA ALA B 51 -22.62 -3.72 -18.14
C ALA B 51 -21.83 -3.52 -19.43
N THR B 52 -22.37 -2.74 -20.37
CA THR B 52 -21.80 -2.72 -21.71
C THR B 52 -21.39 -1.36 -22.28
N ASN B 53 -21.64 -0.27 -21.56
CA ASN B 53 -21.43 1.07 -22.09
C ASN B 53 -20.15 1.68 -21.60
N LEU B 54 -19.38 2.25 -22.51
N LEU B 54 -19.34 2.21 -22.51
CA LEU B 54 -18.14 2.92 -22.16
CA LEU B 54 -18.11 2.90 -22.10
C LEU B 54 -18.43 4.30 -21.57
C LEU B 54 -18.44 4.27 -21.56
N ALA B 55 -17.82 4.62 -20.43
CA ALA B 55 -17.98 5.96 -19.87
C ALA B 55 -17.33 6.98 -20.80
N ALA B 56 -17.73 8.23 -20.62
CA ALA B 56 -17.20 9.33 -21.41
C ALA B 56 -15.66 9.34 -21.36
N GLY B 57 -15.05 9.35 -22.53
CA GLY B 57 -13.61 9.52 -22.68
C GLY B 57 -12.75 8.30 -22.41
N VAL B 58 -13.37 7.18 -22.06
CA VAL B 58 -12.62 5.94 -21.83
C VAL B 58 -12.17 5.31 -23.15
N PRO B 59 -10.90 4.85 -23.20
CA PRO B 59 -10.35 4.31 -24.43
C PRO B 59 -11.15 3.11 -24.97
N SER B 60 -11.25 3.03 -26.30
CA SER B 60 -12.05 1.99 -26.93
C SER B 60 -11.50 0.57 -26.74
N ARG B 61 -10.27 0.44 -26.22
CA ARG B 61 -9.71 -0.92 -26.04
C ARG B 61 -10.42 -1.62 -24.88
N PHE B 62 -11.10 -0.85 -24.03
CA PHE B 62 -11.96 -1.41 -22.98
C PHE B 62 -13.34 -1.77 -23.52
N SER B 63 -13.87 -2.94 -23.14
CA SER B 63 -15.24 -3.30 -23.50
C SER B 63 -15.88 -4.13 -22.39
N GLY B 64 -17.16 -3.89 -22.15
CA GLY B 64 -17.89 -4.68 -21.17
C GLY B 64 -18.95 -5.52 -21.84
N SER B 65 -19.22 -6.68 -21.28
CA SER B 65 -20.27 -7.51 -21.79
C SER B 65 -20.94 -8.33 -20.69
N GLY B 66 -22.11 -8.86 -21.01
CA GLY B 66 -22.76 -9.79 -20.10
C GLY B 66 -24.19 -9.46 -19.85
N SER B 67 -24.86 -10.37 -19.16
CA SER B 67 -26.25 -10.25 -18.80
C SER B 67 -26.52 -11.31 -17.75
N GLY B 68 -27.71 -11.29 -17.14
CA GLY B 68 -28.05 -12.28 -16.13
C GLY B 68 -27.12 -12.19 -14.95
N THR B 69 -26.37 -13.27 -14.71
CA THR B 69 -25.45 -13.34 -13.55
C THR B 69 -24.00 -13.23 -13.94
N GLN B 70 -23.72 -13.16 -15.25
CA GLN B 70 -22.34 -13.28 -15.74
C GLN B 70 -21.88 -12.06 -16.52
N TYR B 71 -20.85 -11.38 -16.01
CA TYR B 71 -20.32 -10.14 -16.62
C TYR B 71 -18.80 -10.22 -16.89
N SER B 72 -18.34 -9.57 -17.94
N SER B 72 -18.33 -9.59 -17.94
CA SER B 72 -16.92 -9.49 -18.22
CA SER B 72 -16.88 -9.51 -18.18
C SER B 72 -16.48 -8.09 -18.58
C SER B 72 -16.43 -8.17 -18.69
N LEU B 73 -15.23 -7.78 -18.25
CA LEU B 73 -14.53 -6.59 -18.74
C LEU B 73 -13.37 -7.10 -19.59
N LYS B 74 -13.22 -6.59 -20.82
CA LYS B 74 -12.13 -7.02 -21.69
C LYS B 74 -11.24 -5.83 -22.00
N ILE B 75 -9.93 -6.06 -21.98
CA ILE B 75 -8.98 -5.05 -22.41
C ILE B 75 -8.26 -5.59 -23.63
N ASN B 76 -8.50 -4.96 -24.79
N ASN B 76 -8.56 -4.97 -24.77
CA ASN B 76 -7.97 -5.43 -26.09
CA ASN B 76 -7.96 -5.29 -26.04
C ASN B 76 -6.68 -4.74 -26.52
C ASN B 76 -6.58 -4.66 -26.08
N SER B 77 -5.56 -5.46 -26.40
CA SER B 77 -4.20 -4.90 -26.60
C SER B 77 -3.85 -3.91 -25.47
N LEU B 78 -3.62 -4.47 -24.29
N LEU B 78 -3.71 -4.42 -24.26
CA LEU B 78 -3.28 -3.71 -23.08
CA LEU B 78 -3.53 -3.52 -23.13
C LEU B 78 -2.11 -2.74 -23.28
C LEU B 78 -2.20 -2.76 -23.24
N GLN B 79 -2.19 -1.58 -22.64
CA GLN B 79 -1.10 -0.61 -22.76
C GLN B 79 -0.48 -0.36 -21.38
N SER B 80 0.64 0.36 -21.35
N SER B 80 0.63 0.37 -21.35
CA SER B 80 1.38 0.57 -20.10
CA SER B 80 1.39 0.55 -20.11
C SER B 80 0.53 1.19 -19.01
C SER B 80 0.61 1.28 -19.01
N GLU B 81 -0.36 2.10 -19.39
CA GLU B 81 -1.22 2.80 -18.43
C GLU B 81 -2.32 1.92 -17.83
N ASP B 82 -2.38 0.66 -18.26
CA ASP B 82 -3.51 -0.21 -17.87
C ASP B 82 -3.20 -1.11 -16.66
N PHE B 83 -1.96 -1.10 -16.19
CA PHE B 83 -1.60 -1.92 -15.05
C PHE B 83 -2.16 -1.26 -13.77
N GLY B 84 -2.67 -2.08 -12.88
CA GLY B 84 -3.38 -1.61 -11.71
C GLY B 84 -4.48 -2.58 -11.34
N SER B 85 -5.48 -2.08 -10.62
CA SER B 85 -6.55 -2.96 -10.19
C SER B 85 -7.88 -2.56 -10.82
N TYR B 86 -8.77 -3.54 -10.91
CA TYR B 86 -10.10 -3.38 -11.51
C TYR B 86 -11.11 -3.98 -10.58
N TYR B 87 -12.27 -3.32 -10.47
CA TYR B 87 -13.35 -3.76 -9.62
C TYR B 87 -14.68 -3.66 -10.34
N CYS B 88 -15.53 -4.66 -10.18
CA CYS B 88 -16.92 -4.52 -10.59
C CYS B 88 -17.74 -4.06 -9.39
N GLN B 89 -18.93 -3.53 -9.63
CA GLN B 89 -19.86 -3.16 -8.59
C GLN B 89 -21.26 -3.27 -9.14
N HIS B 90 -22.17 -3.86 -8.36
CA HIS B 90 -23.58 -3.90 -8.78
C HIS B 90 -24.43 -2.82 -8.19
N PHE B 91 -25.51 -2.48 -8.88
CA PHE B 91 -26.50 -1.51 -8.36
C PHE B 91 -27.93 -2.08 -8.43
N TRP B 92 -28.03 -3.39 -8.26
CA TRP B 92 -29.35 -4.04 -8.26
C TRP B 92 -30.19 -3.69 -7.05
N ASN B 93 -29.60 -3.74 -5.87
CA ASN B 93 -30.25 -3.32 -4.62
C ASN B 93 -29.21 -2.99 -3.55
N ILE B 94 -29.66 -2.42 -2.44
CA ILE B 94 -28.79 -2.10 -1.29
C ILE B 94 -28.42 -3.39 -0.56
N PRO B 95 -27.12 -3.60 -0.24
CA PRO B 95 -25.99 -2.70 -0.47
C PRO B 95 -25.38 -2.85 -1.88
N PHE B 96 -24.80 -1.76 -2.39
CA PHE B 96 -24.18 -1.76 -3.72
C PHE B 96 -22.75 -2.32 -3.62
N THR B 97 -22.65 -3.65 -3.63
N THR B 97 -22.64 -3.64 -3.54
CA THR B 97 -21.41 -4.35 -3.31
CA THR B 97 -21.35 -4.26 -3.21
C THR B 97 -20.39 -4.38 -4.44
C THR B 97 -20.41 -4.36 -4.38
N PHE B 98 -19.11 -4.28 -4.07
CA PHE B 98 -18.03 -4.43 -5.07
C PHE B 98 -17.55 -5.86 -5.12
N GLY B 99 -17.09 -6.29 -6.29
CA GLY B 99 -16.23 -7.48 -6.43
C GLY B 99 -14.92 -7.27 -5.67
N SER B 100 -14.18 -8.36 -5.43
CA SER B 100 -13.00 -8.32 -4.57
C SER B 100 -11.74 -7.76 -5.25
N GLY B 101 -11.81 -7.59 -6.57
CA GLY B 101 -10.75 -6.92 -7.31
C GLY B 101 -9.88 -7.87 -8.13
N THR B 102 -9.28 -7.32 -9.19
CA THR B 102 -8.30 -8.03 -10.00
C THR B 102 -7.12 -7.09 -10.13
N LYS B 103 -5.94 -7.57 -9.74
CA LYS B 103 -4.71 -6.80 -9.91
C LYS B 103 -3.91 -7.30 -11.10
N LEU B 104 -3.59 -6.39 -12.02
CA LEU B 104 -2.72 -6.70 -13.17
C LEU B 104 -1.32 -6.18 -12.93
N GLU B 105 -0.36 -7.05 -13.23
CA GLU B 105 1.03 -6.97 -12.82
C GLU B 105 1.82 -7.12 -14.11
N ILE B 106 3.01 -6.51 -14.20
CA ILE B 106 3.80 -6.63 -15.44
C ILE B 106 4.69 -7.87 -15.45
N LYS B 107 4.55 -8.70 -16.49
CA LYS B 107 5.42 -9.87 -16.68
CA LYS B 107 5.43 -9.87 -16.67
C LYS B 107 6.84 -9.44 -16.97
N ARG B 108 7.80 -10.16 -16.38
CA ARG B 108 9.21 -10.00 -16.75
C ARG B 108 9.93 -11.29 -16.44
N ALA B 109 11.24 -11.36 -16.73
CA ALA B 109 12.00 -12.59 -16.52
C ALA B 109 12.21 -12.84 -15.03
N ASP B 110 12.29 -14.10 -14.63
CA ASP B 110 12.53 -14.42 -13.24
C ASP B 110 13.89 -13.91 -12.80
N ALA B 111 13.96 -13.49 -11.54
CA ALA B 111 15.18 -12.94 -10.94
C ALA B 111 15.28 -13.33 -9.48
N ALA B 112 16.43 -13.88 -9.12
CA ALA B 112 16.74 -14.25 -7.74
C ALA B 112 16.94 -12.98 -6.91
N PRO B 113 16.51 -12.98 -5.63
CA PRO B 113 16.76 -11.79 -4.81
C PRO B 113 18.24 -11.62 -4.48
N THR B 114 18.68 -10.36 -4.41
CA THR B 114 19.99 -10.01 -3.85
C THR B 114 19.76 -9.76 -2.36
N VAL B 115 20.40 -10.57 -1.54
CA VAL B 115 20.20 -10.54 -0.09
C VAL B 115 21.39 -9.85 0.64
N SER B 116 21.07 -8.87 1.47
CA SER B 116 22.08 -8.15 2.25
C SER B 116 21.63 -8.04 3.68
N ILE B 117 22.55 -8.34 4.62
CA ILE B 117 22.26 -8.27 6.04
C ILE B 117 23.12 -7.19 6.72
N PHE B 118 22.49 -6.51 7.67
CA PHE B 118 23.08 -5.34 8.38
C PHE B 118 22.97 -5.46 9.89
N PRO B 119 24.12 -5.50 10.58
CA PRO B 119 24.11 -5.41 12.03
C PRO B 119 23.53 -4.08 12.53
N PRO B 120 23.10 -4.04 13.80
CA PRO B 120 22.73 -2.76 14.41
C PRO B 120 23.85 -1.71 14.24
N SER B 121 23.45 -0.44 14.12
CA SER B 121 24.41 0.67 14.10
C SER B 121 24.91 0.93 15.52
N SER B 122 26.13 1.48 15.62
N SER B 122 26.09 1.55 15.66
CA SER B 122 26.68 1.88 16.91
CA SER B 122 26.58 1.95 16.98
C SER B 122 25.72 2.84 17.58
C SER B 122 25.66 2.99 17.62
N GLU B 123 25.16 3.76 16.80
N GLU B 123 25.05 3.83 16.78
CA GLU B 123 24.22 4.75 17.32
CA GLU B 123 24.14 4.85 17.29
C GLU B 123 23.03 4.12 18.02
C GLU B 123 22.91 4.23 17.93
N GLN B 124 22.41 3.15 17.36
CA GLN B 124 21.23 2.50 17.94
C GLN B 124 21.58 1.76 19.24
N LEU B 125 22.76 1.14 19.25
CA LEU B 125 23.22 0.36 20.40
C LEU B 125 23.43 1.27 21.59
N THR B 126 23.94 2.48 21.33
CA THR B 126 24.13 3.47 22.40
C THR B 126 22.79 3.84 23.03
N SER B 127 21.72 3.86 22.23
CA SER B 127 20.38 4.13 22.76
C SER B 127 19.72 2.93 23.43
N GLY B 128 20.38 1.77 23.38
CA GLY B 128 19.88 0.56 24.05
C GLY B 128 19.04 -0.40 23.22
N GLY B 129 18.93 -0.11 21.93
CA GLY B 129 18.21 -0.96 21.00
C GLY B 129 19.15 -1.63 20.03
N ALA B 130 18.62 -2.64 19.34
CA ALA B 130 19.38 -3.46 18.40
C ALA B 130 18.49 -4.00 17.30
N SER B 131 18.46 -3.32 16.16
CA SER B 131 17.74 -3.80 15.00
C SER B 131 18.70 -4.41 13.99
N VAL B 132 18.40 -5.63 13.56
CA VAL B 132 19.15 -6.25 12.46
C VAL B 132 18.26 -6.20 11.21
N VAL B 133 18.82 -5.73 10.10
CA VAL B 133 18.05 -5.50 8.87
C VAL B 133 18.51 -6.42 7.74
N CYS B 134 17.56 -6.93 6.96
N CYS B 134 17.56 -7.02 7.03
CA CYS B 134 17.85 -7.75 5.80
CA CYS B 134 17.88 -7.67 5.76
C CYS B 134 17.05 -7.27 4.59
C CYS B 134 17.07 -7.08 4.63
N PHE B 135 17.75 -6.85 3.53
CA PHE B 135 17.09 -6.47 2.27
C PHE B 135 17.11 -7.68 1.33
N LEU B 136 15.98 -7.91 0.67
CA LEU B 136 15.85 -8.99 -0.32
C LEU B 136 15.41 -8.23 -1.57
N ASN B 137 16.39 -7.86 -2.42
CA ASN B 137 16.14 -6.86 -3.48
C ASN B 137 16.10 -7.40 -4.93
N ASN B 138 15.24 -6.79 -5.73
CA ASN B 138 15.15 -6.95 -7.20
C ASN B 138 14.88 -8.36 -7.60
N PHE B 139 13.84 -8.96 -7.03
CA PHE B 139 13.47 -10.33 -7.40
C PHE B 139 12.17 -10.36 -8.19
N TYR B 140 11.93 -11.50 -8.86
CA TYR B 140 10.70 -11.72 -9.63
C TYR B 140 10.54 -13.24 -9.78
N PRO B 141 9.33 -13.78 -9.58
CA PRO B 141 8.03 -13.15 -9.27
C PRO B 141 7.91 -12.67 -7.82
N LYS B 142 6.72 -12.15 -7.49
CA LYS B 142 6.45 -11.38 -6.27
C LYS B 142 6.58 -12.18 -4.96
N ASP B 143 6.23 -13.46 -4.96
CA ASP B 143 6.14 -14.20 -3.71
C ASP B 143 7.53 -14.45 -3.15
N ILE B 144 7.66 -14.28 -1.84
CA ILE B 144 8.93 -14.48 -1.17
C ILE B 144 8.70 -14.68 0.32
N ASN B 145 9.63 -15.34 0.98
N ASN B 145 9.63 -15.36 0.97
CA ASN B 145 9.60 -15.49 2.43
CA ASN B 145 9.57 -15.59 2.40
C ASN B 145 10.97 -15.36 3.05
C ASN B 145 10.95 -15.31 3.02
N VAL B 146 11.01 -14.69 4.19
N VAL B 146 10.92 -14.74 4.21
CA VAL B 146 12.23 -14.53 4.94
CA VAL B 146 12.14 -14.57 4.99
C VAL B 146 12.11 -15.20 6.31
C VAL B 146 12.04 -15.32 6.30
N LYS B 147 13.17 -15.90 6.71
CA LYS B 147 13.28 -16.50 8.04
C LYS B 147 14.53 -15.98 8.74
N TRP B 148 14.36 -15.58 10.00
CA TRP B 148 15.49 -15.21 10.85
C TRP B 148 15.96 -16.31 11.73
N LYS B 149 17.27 -16.43 11.90
CA LYS B 149 17.81 -17.30 12.95
C LYS B 149 18.82 -16.55 13.82
N ILE B 150 18.81 -16.85 15.12
CA ILE B 150 19.82 -16.35 16.04
C ILE B 150 20.56 -17.56 16.59
N ASP B 151 21.87 -17.63 16.39
CA ASP B 151 22.65 -18.81 16.77
C ASP B 151 21.97 -20.09 16.27
N GLY B 152 21.48 -20.04 15.02
CA GLY B 152 20.89 -21.22 14.37
C GLY B 152 19.45 -21.54 14.75
N SER B 153 18.89 -20.82 15.72
CA SER B 153 17.49 -21.00 16.15
C SER B 153 16.53 -19.96 15.54
N GLU B 154 15.49 -20.45 14.88
CA GLU B 154 14.51 -19.60 14.18
C GLU B 154 13.87 -18.61 15.16
N ARG B 155 13.84 -17.34 14.77
N ARG B 155 13.86 -17.34 14.78
CA ARG B 155 13.27 -16.29 15.59
CA ARG B 155 13.27 -16.29 15.60
C ARG B 155 12.09 -15.65 14.86
C ARG B 155 12.09 -15.68 14.86
N GLN B 156 10.91 -15.75 15.46
CA GLN B 156 9.70 -15.16 14.87
C GLN B 156 9.31 -13.81 15.49
N ASN B 157 9.50 -13.67 16.81
CA ASN B 157 9.08 -12.44 17.49
C ASN B 157 10.02 -11.28 17.22
N GLY B 158 9.44 -10.09 17.09
CA GLY B 158 10.20 -8.86 16.90
C GLY B 158 10.57 -8.59 15.45
N VAL B 159 9.92 -9.28 14.52
CA VAL B 159 10.21 -9.12 13.09
C VAL B 159 9.16 -8.24 12.41
N LEU B 160 9.61 -7.23 11.67
N LEU B 160 9.61 -7.27 11.62
CA LEU B 160 8.72 -6.34 10.91
CA LEU B 160 8.69 -6.39 10.89
C LEU B 160 9.14 -6.47 9.46
C LEU B 160 9.11 -6.26 9.45
N ASN B 161 8.17 -6.57 8.56
CA ASN B 161 8.45 -6.71 7.15
C ASN B 161 7.74 -5.66 6.36
N SER B 162 8.36 -5.26 5.26
CA SER B 162 7.75 -4.34 4.29
C SER B 162 8.11 -4.71 2.86
N TRP B 163 7.20 -4.44 1.93
CA TRP B 163 7.37 -4.84 0.53
C TRP B 163 7.09 -3.66 -0.35
N THR B 164 7.96 -3.45 -1.34
CA THR B 164 7.72 -2.46 -2.38
C THR B 164 6.67 -2.91 -3.42
N ASP B 165 6.08 -1.94 -4.09
CA ASP B 165 5.29 -2.22 -5.28
C ASP B 165 6.28 -2.52 -6.44
N GLN B 166 5.75 -3.02 -7.55
CA GLN B 166 6.58 -3.36 -8.67
C GLN B 166 7.46 -2.16 -9.10
N ASP B 167 8.74 -2.39 -9.30
CA ASP B 167 9.69 -1.29 -9.58
C ASP B 167 9.40 -0.62 -10.93
N SER B 168 9.39 0.72 -10.93
CA SER B 168 9.06 1.46 -12.15
C SER B 168 10.06 1.27 -13.29
N LYS B 169 11.32 0.98 -12.97
CA LYS B 169 12.35 0.79 -14.00
C LYS B 169 12.50 -0.66 -14.50
N ASP B 170 12.60 -1.62 -13.57
CA ASP B 170 12.93 -2.99 -13.95
C ASP B 170 11.84 -4.03 -13.65
N SER B 171 10.71 -3.58 -13.10
CA SER B 171 9.53 -4.45 -12.85
C SER B 171 9.77 -5.58 -11.84
N THR B 172 10.81 -5.43 -11.01
CA THR B 172 11.07 -6.39 -9.95
C THR B 172 10.40 -5.95 -8.65
N TYR B 173 10.53 -6.79 -7.64
CA TYR B 173 9.97 -6.54 -6.32
C TYR B 173 11.13 -6.53 -5.33
N SER B 174 10.93 -5.84 -4.21
CA SER B 174 11.90 -5.91 -3.14
C SER B 174 11.23 -6.02 -1.76
N MET B 175 11.98 -6.50 -0.79
CA MET B 175 11.44 -6.67 0.55
C MET B 175 12.49 -6.28 1.60
N SER B 176 12.02 -5.64 2.67
CA SER B 176 12.86 -5.34 3.82
C SER B 176 12.33 -6.04 5.07
N SER B 177 13.23 -6.66 5.82
CA SER B 177 12.82 -7.32 7.06
C SER B 177 13.74 -6.87 8.18
N THR B 178 13.14 -6.43 9.30
CA THR B 178 13.88 -5.91 10.45
C THR B 178 13.57 -6.73 11.68
N LEU B 179 14.61 -7.31 12.27
CA LEU B 179 14.47 -8.02 13.54
C LEU B 179 14.93 -7.09 14.66
N THR B 180 14.03 -6.77 15.60
CA THR B 180 14.38 -5.81 16.65
C THR B 180 14.44 -6.53 17.99
N LEU B 181 15.56 -6.33 18.66
CA LEU B 181 15.89 -6.90 19.97
C LEU B 181 16.31 -5.76 20.89
N THR B 182 16.38 -6.05 22.19
CA THR B 182 17.07 -5.13 23.10
C THR B 182 18.58 -5.30 22.87
N LYS B 183 19.35 -4.29 23.22
CA LYS B 183 20.79 -4.36 23.11
C LYS B 183 21.30 -5.53 24.00
N ASP B 184 20.65 -5.74 25.14
CA ASP B 184 21.09 -6.80 26.05
C ASP B 184 20.93 -8.18 25.44
N GLU B 185 19.80 -8.38 24.75
N GLU B 185 19.81 -8.41 24.75
CA GLU B 185 19.53 -9.63 24.07
CA GLU B 185 19.61 -9.70 24.10
C GLU B 185 20.51 -9.84 22.91
C GLU B 185 20.53 -9.86 22.90
N TYR B 186 20.73 -8.77 22.15
CA TYR B 186 21.60 -8.80 20.98
C TYR B 186 23.03 -9.21 21.36
N GLU B 187 23.51 -8.65 22.46
CA GLU B 187 24.89 -8.88 22.88
C GLU B 187 25.15 -10.22 23.55
N ARG B 188 24.08 -10.96 23.87
N ARG B 188 24.10 -10.98 23.86
CA ARG B 188 24.20 -12.31 24.43
CA ARG B 188 24.30 -12.31 24.44
C ARG B 188 24.50 -13.35 23.37
C ARG B 188 24.23 -13.43 23.41
N HIS B 189 24.13 -13.06 22.13
CA HIS B 189 24.19 -14.04 21.04
C HIS B 189 25.32 -13.78 20.10
N ASN B 190 25.66 -14.79 19.30
CA ASN B 190 26.83 -14.69 18.45
C ASN B 190 26.52 -14.48 16.97
N SER B 191 25.69 -15.34 16.39
CA SER B 191 25.44 -15.28 14.95
C SER B 191 24.00 -14.90 14.62
N TYR B 192 23.87 -14.13 13.54
CA TYR B 192 22.57 -13.65 13.07
C TYR B 192 22.46 -13.98 11.60
N THR B 193 21.31 -14.55 11.24
CA THR B 193 21.07 -15.07 9.89
C THR B 193 19.70 -14.67 9.33
N CYS B 194 19.71 -14.29 8.05
N CYS B 194 19.67 -14.24 8.08
CA CYS B 194 18.52 -14.03 7.25
CA CYS B 194 18.41 -14.14 7.37
C CYS B 194 18.47 -15.04 6.10
C CYS B 194 18.43 -15.00 6.12
N GLU B 195 17.32 -15.69 5.90
CA GLU B 195 17.21 -16.72 4.86
C GLU B 195 16.07 -16.34 3.93
N ALA B 196 16.35 -16.28 2.63
CA ALA B 196 15.31 -15.93 1.65
C ALA B 196 14.91 -17.13 0.83
N THR B 197 13.61 -17.44 0.85
CA THR B 197 13.02 -18.49 0.04
C THR B 197 12.21 -17.86 -1.11
N HIS B 198 12.51 -18.25 -2.33
CA HIS B 198 11.89 -17.72 -3.55
C HIS B 198 11.77 -18.79 -4.60
N LYS B 199 10.92 -18.58 -5.61
CA LYS B 199 10.78 -19.52 -6.73
C LYS B 199 12.14 -19.99 -7.24
N THR B 200 13.07 -19.06 -7.35
CA THR B 200 14.40 -19.29 -7.93
C THR B 200 15.36 -20.00 -6.98
N SER B 201 14.92 -20.14 -5.72
N SER B 201 14.97 -20.21 -5.73
CA SER B 201 15.71 -20.66 -4.59
CA SER B 201 15.80 -21.02 -4.85
C SER B 201 14.78 -21.27 -3.53
C SER B 201 14.97 -21.35 -3.63
N THR B 202 14.26 -22.47 -3.77
CA THR B 202 13.41 -23.08 -2.74
C THR B 202 14.27 -23.59 -1.57
N SER B 203 15.54 -23.91 -1.84
CA SER B 203 16.55 -23.95 -0.80
C SER B 203 17.01 -22.50 -0.57
N PRO B 204 16.87 -21.99 0.65
CA PRO B 204 17.02 -20.52 0.84
C PRO B 204 18.43 -19.96 0.54
N ILE B 205 18.49 -18.71 0.09
CA ILE B 205 19.73 -17.92 0.05
C ILE B 205 19.94 -17.38 1.45
N VAL B 206 21.10 -17.65 2.01
CA VAL B 206 21.37 -17.42 3.43
C VAL B 206 22.47 -16.37 3.60
N LYS B 207 22.23 -15.32 4.38
CA LYS B 207 23.27 -14.34 4.69
C LYS B 207 23.38 -14.23 6.20
N SER B 208 24.61 -14.23 6.72
CA SER B 208 24.84 -14.23 8.15
C SER B 208 25.99 -13.29 8.50
N PHE B 209 26.04 -12.92 9.77
CA PHE B 209 27.24 -12.36 10.37
C PHE B 209 27.40 -12.83 11.81
N ASN B 210 28.63 -12.67 12.32
N ASN B 210 28.65 -12.76 12.27
CA ASN B 210 28.97 -12.90 13.71
CA ASN B 210 29.03 -13.11 13.62
C ASN B 210 29.21 -11.57 14.43
C ASN B 210 29.45 -11.85 14.35
N ARG B 211 28.48 -11.34 15.52
N ARG B 211 28.81 -11.57 15.48
CA ARG B 211 28.55 -10.07 16.26
CA ARG B 211 29.18 -10.42 16.28
C ARG B 211 29.94 -9.82 16.83
C ARG B 211 30.67 -10.41 16.58
N ASN B 212 30.51 -10.70 17.47
N ASN B 212 31.29 -11.47 16.77
#